data_9M2H
#
_entry.id   9M2H
#
_cell.length_a   1.00
_cell.length_b   1.00
_cell.length_c   1.00
_cell.angle_alpha   90.00
_cell.angle_beta   90.00
_cell.angle_gamma   90.00
#
_symmetry.space_group_name_H-M   'P 1'
#
loop_
_entity.id
_entity.type
_entity.pdbx_description
1 polymer 'Auxin transporter protein 1'
2 non-polymer '(3-CHLORO-4-HYDROXYPHENYL)ACETIC ACID'
#
_entity_poly.entity_id   1
_entity_poly.type   'polypeptide(L)'
_entity_poly.pdbx_seq_one_letter_code
;MSEGVEAIVANDNGTDQVNGNRTGKDNEEHDGSTGSNLSNFLWHGGSVWDAWFSCASNQVAQVLLTLPYSFSQLGMLSGI
VLQIFYGLLGSWTAYLISVLYVEYRARKEKEGKSFKNHVIQWFEVLDGLLGSYWKALGLAFNCTFLLFGSVIQLIACASN
IYYINDHLDKRTWTYIFGACCATTVFIPSFHNYRIWSFLGLGMTTYTAWYLAIASIIHGQAEGVKHSGPTKLVLYFTGAT
NILYTFGGHAVTVEIMHAMWKPQKFKYIYLMATLYVFTLTIPSAAAVYWAFGDALLDHSNAFSLMPKNAWRDAAVILMLI
HQFITFGFACTPLYFVWEKVIGMHDTKSICLRALARLPVVIPIWFLAIIFPFFGPINSAVGALLVSFTVYIIPSLAHMLT
YRSASARQNAAEKPPFFMPSWTAMYVLNAFVVVWVLIVGFGFGGWASVTNFVRQVDTFGLFAKCYQCKPAAAAAHAPVSA
LHHRL
;
_entity_poly.pdbx_strand_id   A
#
loop_
_chem_comp.id
_chem_comp.type
_chem_comp.name
_chem_comp.formula
3C4 non-polymer '(3-CHLORO-4-HYDROXYPHENYL)ACETIC ACID' 'C8 H7 Cl O3'
#
# COMPACT_ATOMS: atom_id res chain seq x y z
N SER A 39 -11.00 3.52 5.29
CA SER A 39 -10.75 3.35 6.70
C SER A 39 -12.04 3.23 7.48
N ASN A 40 -12.56 4.35 7.97
CA ASN A 40 -13.80 4.33 8.74
C ASN A 40 -14.97 4.51 7.78
N PHE A 41 -16.08 3.84 8.06
CA PHE A 41 -17.19 3.65 7.13
C PHE A 41 -18.55 3.75 7.83
N LEU A 42 -18.82 4.90 8.46
CA LEU A 42 -20.00 5.13 9.32
C LEU A 42 -21.31 4.71 8.64
N TRP A 43 -21.44 4.82 7.31
CA TRP A 43 -22.71 4.57 6.66
C TRP A 43 -23.51 3.33 7.03
N HIS A 44 -22.84 2.16 7.08
CA HIS A 44 -23.43 0.82 7.24
C HIS A 44 -24.45 0.45 6.16
N GLY A 45 -24.49 1.19 5.04
CA GLY A 45 -25.46 0.93 3.99
C GLY A 45 -24.84 1.11 2.62
N GLY A 46 -23.54 0.89 2.54
CA GLY A 46 -22.77 1.31 1.38
C GLY A 46 -23.07 0.49 0.14
N SER A 47 -23.21 1.18 -0.97
CA SER A 47 -23.69 0.60 -2.21
C SER A 47 -22.58 -0.18 -2.89
N VAL A 48 -22.78 -0.88 -4.00
CA VAL A 48 -21.67 -1.57 -4.70
C VAL A 48 -20.61 -0.68 -5.35
N TRP A 49 -21.03 0.29 -6.13
CA TRP A 49 -20.09 1.30 -6.65
C TRP A 49 -19.25 2.00 -5.59
N ASP A 50 -19.84 2.44 -4.51
CA ASP A 50 -19.05 3.03 -3.48
C ASP A 50 -17.92 2.17 -3.21
N ALA A 51 -18.15 0.94 -2.85
CA ALA A 51 -17.04 0.12 -2.47
C ALA A 51 -16.07 -0.16 -3.61
N TRP A 52 -16.43 -0.21 -4.91
CA TRP A 52 -15.44 -0.36 -5.98
C TRP A 52 -14.46 0.70 -5.80
N PHE A 53 -14.94 1.88 -6.01
CA PHE A 53 -14.15 3.02 -5.79
C PHE A 53 -13.26 2.97 -4.59
N SER A 54 -13.72 2.78 -3.39
CA SER A 54 -12.92 2.79 -2.20
C SER A 54 -11.78 1.81 -2.28
N CYS A 55 -12.00 0.53 -2.55
CA CYS A 55 -10.94 -0.49 -2.73
C CYS A 55 -9.96 -0.13 -3.78
N ALA A 56 -10.36 0.56 -4.84
CA ALA A 56 -9.36 1.04 -5.80
C ALA A 56 -8.57 2.22 -5.36
N SER A 57 -9.19 3.24 -4.81
CA SER A 57 -8.49 4.47 -4.51
C SER A 57 -7.43 4.29 -3.56
N ASN A 58 -7.45 3.15 -2.93
CA ASN A 58 -6.51 3.03 -1.83
C ASN A 58 -5.27 2.19 -1.99
N GLN A 59 -5.19 1.39 -3.06
CA GLN A 59 -3.97 0.65 -3.34
C GLN A 59 -2.79 1.42 -3.94
N VAL A 60 -3.08 2.32 -4.87
CA VAL A 60 -2.06 3.11 -5.53
C VAL A 60 -2.22 4.55 -5.09
N ALA A 61 -1.25 5.03 -4.30
CA ALA A 61 -1.19 6.43 -3.90
C ALA A 61 0.08 7.08 -4.44
N GLN A 62 1.26 6.47 -4.25
CA GLN A 62 2.55 6.98 -4.80
C GLN A 62 3.19 6.03 -5.66
N VAL A 63 2.88 4.79 -5.52
CA VAL A 63 3.67 3.82 -6.26
C VAL A 63 3.51 3.98 -7.76
N LEU A 64 2.44 4.65 -8.20
CA LEU A 64 2.33 5.16 -9.55
C LEU A 64 3.63 5.75 -10.06
N LEU A 65 4.34 6.53 -9.25
CA LEU A 65 5.52 7.24 -9.70
C LEU A 65 6.72 6.33 -9.84
N THR A 66 6.99 5.44 -8.90
CA THR A 66 8.14 4.56 -8.93
C THR A 66 8.22 3.48 -10.00
N LEU A 67 7.10 2.96 -10.47
CA LEU A 67 7.09 2.02 -11.60
C LEU A 67 7.93 2.35 -12.84
N PRO A 68 7.86 3.55 -13.45
CA PRO A 68 8.93 3.91 -14.40
C PRO A 68 10.35 3.67 -13.94
N TYR A 69 10.65 3.92 -12.66
CA TYR A 69 11.95 3.54 -12.10
C TYR A 69 12.16 2.04 -12.10
N SER A 70 11.12 1.26 -11.85
CA SER A 70 11.30 -0.18 -11.67
C SER A 70 11.20 -0.97 -12.97
N PHE A 71 10.80 -0.34 -14.08
CA PHE A 71 10.93 -1.08 -15.34
C PHE A 71 12.32 -0.96 -15.92
N SER A 72 13.11 0.02 -15.52
CA SER A 72 14.46 0.18 -15.99
C SER A 72 15.42 -0.83 -15.38
N GLN A 73 15.04 -1.44 -14.26
CA GLN A 73 15.77 -2.53 -13.65
C GLN A 73 15.30 -3.89 -14.10
N LEU A 74 13.99 -4.07 -14.23
CA LEU A 74 13.44 -5.33 -14.70
C LEU A 74 13.64 -5.47 -16.20
N GLY A 75 13.02 -4.59 -16.97
CA GLY A 75 12.95 -4.79 -18.40
C GLY A 75 11.49 -4.76 -18.72
N MET A 76 11.11 -4.62 -19.99
CA MET A 76 9.69 -4.45 -20.25
C MET A 76 8.95 -5.77 -20.20
N LEU A 77 9.52 -6.83 -20.80
CA LEU A 77 8.81 -8.11 -20.87
C LEU A 77 8.60 -8.70 -19.50
N SER A 78 9.60 -8.58 -18.65
CA SER A 78 9.46 -9.02 -17.27
C SER A 78 8.75 -7.99 -16.41
N GLY A 79 8.33 -6.87 -16.98
CA GLY A 79 7.66 -5.84 -16.22
C GLY A 79 6.15 -5.87 -16.28
N ILE A 80 5.56 -6.40 -17.34
CA ILE A 80 4.12 -6.61 -17.40
C ILE A 80 3.73 -7.95 -16.80
N VAL A 81 4.56 -8.97 -16.98
CA VAL A 81 4.25 -10.33 -16.52
C VAL A 81 4.17 -10.39 -15.00
N LEU A 82 5.15 -9.81 -14.30
CA LEU A 82 5.05 -9.78 -12.85
C LEU A 82 4.02 -8.79 -12.33
N GLN A 83 3.43 -7.96 -13.19
CA GLN A 83 2.40 -7.07 -12.70
C GLN A 83 1.01 -7.66 -12.96
N ILE A 84 0.88 -8.48 -14.01
CA ILE A 84 -0.28 -9.35 -14.13
C ILE A 84 -0.28 -10.40 -13.03
N PHE A 85 0.90 -10.90 -12.67
CA PHE A 85 0.97 -12.03 -11.75
C PHE A 85 0.64 -11.63 -10.32
N TYR A 86 1.24 -10.55 -9.80
CA TYR A 86 0.97 -10.19 -8.42
C TYR A 86 -0.43 -9.61 -8.25
N GLY A 87 -0.99 -9.01 -9.28
CA GLY A 87 -2.31 -8.42 -9.17
C GLY A 87 -3.44 -9.42 -9.16
N LEU A 88 -3.18 -10.64 -9.61
CA LEU A 88 -4.19 -11.69 -9.55
C LEU A 88 -3.96 -12.57 -8.33
N LEU A 89 -2.70 -12.87 -8.01
CA LEU A 89 -2.37 -13.58 -6.79
C LEU A 89 -2.68 -12.75 -5.55
N GLY A 90 -2.61 -11.43 -5.66
CA GLY A 90 -2.99 -10.55 -4.57
C GLY A 90 -4.46 -10.23 -4.50
N SER A 91 -5.27 -10.84 -5.35
CA SER A 91 -6.73 -10.76 -5.23
C SER A 91 -7.32 -12.04 -4.65
N TRP A 92 -6.66 -13.17 -4.89
CA TRP A 92 -7.06 -14.43 -4.28
C TRP A 92 -6.87 -14.41 -2.78
N THR A 93 -5.91 -13.62 -2.28
CA THR A 93 -5.75 -13.51 -0.83
C THR A 93 -6.77 -12.55 -0.24
N ALA A 94 -7.30 -11.62 -1.04
CA ALA A 94 -8.41 -10.80 -0.54
C ALA A 94 -9.75 -11.46 -0.78
N TYR A 95 -9.77 -12.56 -1.54
CA TYR A 95 -10.91 -13.47 -1.50
C TYR A 95 -10.93 -14.23 -0.19
N LEU A 96 -9.77 -14.64 0.32
CA LEU A 96 -9.72 -15.43 1.53
C LEU A 96 -10.05 -14.61 2.76
N ILE A 97 -9.84 -13.29 2.72
CA ILE A 97 -10.37 -12.48 3.80
C ILE A 97 -11.89 -12.36 3.67
N SER A 98 -12.42 -12.48 2.45
CA SER A 98 -13.87 -12.38 2.29
C SER A 98 -14.56 -13.66 2.74
N VAL A 99 -13.85 -14.77 2.80
CA VAL A 99 -14.45 -15.99 3.32
C VAL A 99 -14.33 -16.04 4.84
N LEU A 100 -13.19 -15.64 5.37
CA LEU A 100 -12.93 -15.75 6.80
C LEU A 100 -13.71 -14.74 7.64
N TYR A 101 -14.37 -13.77 7.02
CA TYR A 101 -15.31 -12.93 7.76
C TYR A 101 -16.70 -13.52 7.73
N VAL A 102 -17.04 -14.27 6.67
CA VAL A 102 -18.28 -15.01 6.66
C VAL A 102 -18.26 -16.12 7.70
N GLU A 103 -17.11 -16.77 7.86
CA GLU A 103 -16.97 -17.83 8.85
C GLU A 103 -17.06 -17.29 10.28
N TYR A 104 -16.53 -16.10 10.52
CA TYR A 104 -16.66 -15.50 11.84
C TYR A 104 -18.09 -15.05 12.10
N ARG A 105 -18.81 -14.70 11.05
CA ARG A 105 -20.19 -14.26 11.21
C ARG A 105 -21.11 -15.43 11.55
N ALA A 106 -20.80 -16.62 11.04
CA ALA A 106 -21.62 -17.79 11.29
C ALA A 106 -21.05 -18.69 12.38
N ARG A 107 -20.04 -18.24 13.13
CA ARG A 107 -19.63 -18.91 14.35
C ARG A 107 -19.92 -18.07 15.58
N LYS A 108 -20.99 -17.30 15.54
CA LYS A 108 -21.54 -16.70 16.74
C LYS A 108 -22.94 -17.19 17.02
N GLU A 109 -23.65 -17.69 16.02
CA GLU A 109 -24.96 -18.26 16.23
C GLU A 109 -24.85 -19.59 16.96
N LYS A 110 -23.77 -20.33 16.73
CA LYS A 110 -23.51 -21.55 17.47
C LYS A 110 -23.06 -21.29 18.90
N GLU A 111 -22.66 -20.07 19.23
CA GLU A 111 -22.22 -19.78 20.58
C GLU A 111 -23.10 -18.80 21.33
N GLY A 112 -24.04 -18.15 20.65
CA GLY A 112 -24.99 -17.28 21.32
C GLY A 112 -24.36 -16.04 21.90
N LYS A 113 -23.91 -15.15 21.03
CA LYS A 113 -23.35 -13.88 21.44
C LYS A 113 -23.42 -12.88 20.30
N SER A 114 -27.00 6.01 20.35
CA SER A 114 -26.07 5.18 19.60
C SER A 114 -25.13 6.04 18.77
N PHE A 115 -23.82 5.76 18.88
CA PHE A 115 -22.79 6.53 18.17
C PHE A 115 -22.15 5.74 17.05
N LYS A 116 -22.63 4.53 16.79
CA LYS A 116 -22.26 3.68 15.66
C LYS A 116 -20.78 3.36 15.64
N ASN A 117 -20.27 2.97 16.81
CA ASN A 117 -18.89 2.50 16.90
C ASN A 117 -18.73 1.04 16.56
N HIS A 118 -19.76 0.39 16.01
CA HIS A 118 -19.69 -1.03 15.70
C HIS A 118 -18.95 -1.20 14.38
N VAL A 119 -17.62 -1.28 14.50
CA VAL A 119 -16.74 -1.52 13.36
C VAL A 119 -15.87 -2.72 13.72
N ILE A 120 -16.07 -3.84 13.02
CA ILE A 120 -15.23 -5.02 13.18
C ILE A 120 -14.11 -4.93 12.17
N GLN A 121 -12.87 -4.96 12.67
CA GLN A 121 -11.67 -4.90 11.88
C GLN A 121 -10.97 -6.25 11.91
N TRP A 122 -10.00 -6.55 11.10
CA TRP A 122 -9.47 -7.92 11.02
C TRP A 122 -8.97 -8.65 12.20
N PHE A 123 -8.62 -7.98 13.23
CA PHE A 123 -7.94 -8.66 14.30
C PHE A 123 -8.91 -9.45 15.10
N GLU A 124 -10.14 -9.00 15.17
CA GLU A 124 -11.13 -9.71 15.90
C GLU A 124 -11.50 -10.95 15.15
N VAL A 125 -11.44 -10.94 13.83
CA VAL A 125 -11.74 -12.09 13.00
C VAL A 125 -10.67 -13.05 13.18
N LEU A 126 -9.44 -12.62 13.36
CA LEU A 126 -8.36 -13.63 13.64
C LEU A 126 -8.48 -14.16 15.05
N ASP A 127 -9.01 -13.40 16.01
CA ASP A 127 -9.30 -13.95 17.37
C ASP A 127 -10.45 -14.98 17.53
N GLY A 128 -11.68 -14.73 17.09
CA GLY A 128 -12.79 -15.67 17.14
C GLY A 128 -12.36 -17.00 16.57
N LEU A 129 -11.49 -17.00 15.56
CA LEU A 129 -11.05 -18.23 14.94
C LEU A 129 -9.81 -18.82 15.59
N LEU A 130 -8.73 -18.05 15.71
CA LEU A 130 -7.46 -18.62 16.09
C LEU A 130 -6.86 -18.25 17.45
N GLY A 131 -7.48 -17.38 18.23
CA GLY A 131 -7.31 -17.44 19.67
C GLY A 131 -6.06 -16.89 20.32
N SER A 132 -5.84 -15.58 20.21
CA SER A 132 -4.94 -14.78 21.05
C SER A 132 -3.44 -15.05 20.87
N TYR A 133 -3.07 -16.07 20.10
CA TYR A 133 -1.73 -16.13 19.53
C TYR A 133 -1.68 -15.46 18.17
N TRP A 134 -2.82 -15.36 17.50
CA TRP A 134 -2.94 -14.79 16.18
C TRP A 134 -3.56 -13.41 16.20
N LYS A 135 -3.89 -12.90 17.37
CA LYS A 135 -4.20 -11.48 17.48
C LYS A 135 -2.93 -10.65 17.58
N ALA A 136 -2.00 -11.08 18.42
CA ALA A 136 -0.75 -10.34 18.60
C ALA A 136 0.11 -10.36 17.35
N LEU A 137 0.21 -11.52 16.69
CA LEU A 137 1.07 -11.62 15.51
C LEU A 137 0.45 -10.89 14.32
N GLY A 138 -0.87 -10.83 14.27
CA GLY A 138 -1.50 -10.06 13.22
C GLY A 138 -1.61 -8.59 13.50
N LEU A 139 -1.31 -8.14 14.72
CA LEU A 139 -1.33 -6.73 15.07
C LEU A 139 0.07 -6.15 15.19
N ALA A 140 1.10 -6.99 15.19
CA ALA A 140 2.48 -6.49 15.08
C ALA A 140 2.80 -6.12 13.64
N PHE A 141 2.51 -7.01 12.70
CA PHE A 141 2.78 -6.72 11.28
C PHE A 141 1.83 -5.71 10.68
N ASN A 142 0.83 -5.25 11.40
CA ASN A 142 -0.13 -4.34 10.83
C ASN A 142 0.06 -2.98 11.43
N CYS A 143 0.49 -2.89 12.66
CA CYS A 143 0.89 -1.61 13.21
C CYS A 143 2.27 -1.06 12.88
N THR A 144 3.28 -1.91 12.81
CA THR A 144 4.52 -1.50 12.15
C THR A 144 4.60 -1.23 10.66
N PHE A 145 3.83 -1.96 9.86
CA PHE A 145 3.57 -1.51 8.50
C PHE A 145 2.97 -0.13 8.36
N LEU A 146 1.95 0.19 9.16
CA LEU A 146 1.32 1.50 9.05
C LEU A 146 2.19 2.62 9.58
N LEU A 147 3.28 2.34 10.27
CA LEU A 147 4.20 3.41 10.63
C LEU A 147 5.21 3.67 9.53
N PHE A 148 5.87 2.63 9.03
CA PHE A 148 6.75 2.79 7.88
C PHE A 148 5.96 3.14 6.63
N GLY A 149 4.76 2.60 6.46
CA GLY A 149 3.92 3.03 5.36
C GLY A 149 3.34 4.41 5.52
N SER A 150 3.56 5.05 6.67
CA SER A 150 3.23 6.46 6.86
C SER A 150 4.41 7.37 6.63
N VAL A 151 5.62 6.89 6.87
CA VAL A 151 6.82 7.69 6.60
C VAL A 151 7.05 7.84 5.11
N ILE A 152 6.70 6.82 4.31
CA ILE A 152 6.87 6.91 2.87
C ILE A 152 5.89 7.92 2.25
N GLN A 153 4.82 8.24 2.94
CA GLN A 153 3.97 9.33 2.49
C GLN A 153 4.49 10.68 2.93
N LEU A 154 5.54 10.73 3.75
CA LEU A 154 6.17 11.99 4.15
C LEU A 154 7.42 12.30 3.35
N ILE A 155 8.15 11.26 2.95
CA ILE A 155 9.22 11.43 1.97
C ILE A 155 8.65 11.86 0.63
N ALA A 156 7.53 11.26 0.22
CA ALA A 156 6.98 11.47 -1.11
C ALA A 156 6.38 12.85 -1.27
N CYS A 157 6.01 13.51 -0.18
CA CYS A 157 5.49 14.88 -0.33
C CYS A 157 6.59 15.89 -0.54
N ALA A 158 7.84 15.55 -0.24
CA ALA A 158 8.93 16.49 -0.52
C ALA A 158 9.50 16.28 -1.91
N SER A 159 9.59 15.04 -2.36
CA SER A 159 10.13 14.75 -3.68
C SER A 159 9.21 15.18 -4.80
N ASN A 160 7.92 15.40 -4.52
CA ASN A 160 7.02 16.04 -5.47
C ASN A 160 7.06 17.55 -5.40
N ILE A 161 7.18 18.14 -4.20
CA ILE A 161 7.14 19.59 -4.11
C ILE A 161 8.43 20.25 -4.58
N TYR A 162 9.50 19.47 -4.75
CA TYR A 162 10.76 20.00 -5.26
C TYR A 162 10.69 20.24 -6.76
N TYR A 163 9.67 19.72 -7.43
CA TYR A 163 9.52 19.84 -8.88
C TYR A 163 8.48 20.88 -9.27
N ILE A 164 7.90 21.57 -8.30
CA ILE A 164 7.16 22.79 -8.52
C ILE A 164 7.89 23.99 -7.95
N ASN A 165 8.66 23.82 -6.88
CA ASN A 165 9.36 24.92 -6.23
C ASN A 165 10.66 24.37 -5.66
N ASP A 166 11.78 24.54 -6.38
CA ASP A 166 13.06 24.02 -5.95
C ASP A 166 13.98 25.09 -5.39
N HIS A 167 13.42 26.16 -4.81
CA HIS A 167 14.22 27.15 -4.12
C HIS A 167 14.76 26.64 -2.79
N LEU A 168 14.06 25.74 -2.13
CA LEU A 168 14.61 25.05 -0.97
C LEU A 168 15.14 23.70 -1.40
N ASP A 169 15.80 23.01 -0.48
CA ASP A 169 16.47 21.76 -0.79
C ASP A 169 15.45 20.63 -0.90
N LYS A 170 15.92 19.40 -1.01
CA LYS A 170 15.01 18.27 -1.00
C LYS A 170 14.50 17.95 0.40
N ARG A 171 15.36 18.01 1.41
CA ARG A 171 14.91 17.67 2.75
C ARG A 171 14.52 18.88 3.57
N THR A 172 14.76 20.09 3.07
CA THR A 172 14.31 21.26 3.82
C THR A 172 12.79 21.37 3.80
N TRP A 173 12.15 20.82 2.76
CA TRP A 173 10.69 20.74 2.77
C TRP A 173 10.14 19.75 3.78
N THR A 174 10.95 18.77 4.20
CA THR A 174 10.50 17.84 5.22
C THR A 174 10.32 18.53 6.57
N TYR A 175 11.02 19.64 6.83
CA TYR A 175 10.77 20.42 8.03
C TYR A 175 9.39 21.07 8.00
N ILE A 176 8.92 21.45 6.81
CA ILE A 176 7.69 22.20 6.70
C ILE A 176 6.49 21.28 6.50
N PHE A 177 6.66 20.23 5.71
CA PHE A 177 5.62 19.24 5.53
C PHE A 177 5.64 18.17 6.61
N GLY A 178 6.61 18.22 7.52
CA GLY A 178 6.65 17.29 8.63
C GLY A 178 6.15 17.94 9.90
N ALA A 179 6.27 19.26 9.98
CA ALA A 179 5.63 19.97 11.08
C ALA A 179 4.16 20.22 10.81
N CYS A 180 3.71 20.13 9.56
CA CYS A 180 2.29 20.17 9.26
C CYS A 180 1.60 18.85 9.47
N CYS A 181 2.27 17.73 9.22
CA CYS A 181 1.68 16.42 9.49
C CYS A 181 1.55 16.13 10.97
N ALA A 182 2.48 16.61 11.79
CA ALA A 182 2.27 16.74 13.21
C ALA A 182 1.04 17.47 13.74
N THR A 183 0.57 18.50 13.02
CA THR A 183 -0.70 19.11 13.34
C THR A 183 -1.96 18.25 13.34
N THR A 184 -1.96 17.14 12.62
CA THR A 184 -2.95 16.10 12.85
C THR A 184 -3.07 15.59 14.27
N VAL A 185 -2.05 15.80 15.10
CA VAL A 185 -2.14 15.51 16.52
C VAL A 185 -3.34 16.19 17.17
N PHE A 186 -3.53 17.48 16.87
CA PHE A 186 -4.56 18.25 17.53
C PHE A 186 -5.96 17.93 17.01
N ILE A 187 -6.07 17.40 15.79
CA ILE A 187 -7.37 17.10 15.22
C ILE A 187 -7.84 15.79 15.85
N PRO A 188 -9.14 15.54 15.98
CA PRO A 188 -9.58 14.19 16.36
C PRO A 188 -9.40 13.17 15.24
N SER A 189 -9.91 11.97 15.46
CA SER A 189 -9.69 10.93 14.49
C SER A 189 -10.58 11.13 13.28
N PHE A 190 -10.21 10.46 12.19
CA PHE A 190 -10.87 10.67 10.90
C PHE A 190 -12.25 10.03 10.85
N HIS A 191 -12.85 10.05 9.66
CA HIS A 191 -14.26 9.77 9.46
C HIS A 191 -14.41 8.96 8.17
N ASN A 192 -15.62 9.00 7.61
CA ASN A 192 -16.01 8.13 6.51
C ASN A 192 -15.11 8.31 5.29
N TYR A 193 -14.87 7.20 4.60
CA TYR A 193 -14.01 7.18 3.43
C TYR A 193 -14.83 7.13 2.14
N ARG A 194 -15.95 7.85 2.12
CA ARG A 194 -16.80 7.87 0.95
C ARG A 194 -16.45 9.00 0.00
N ILE A 195 -16.55 10.25 0.43
CA ILE A 195 -16.33 11.35 -0.50
C ILE A 195 -14.84 11.55 -0.76
N TRP A 196 -13.97 10.95 0.05
CA TRP A 196 -12.54 10.98 -0.22
C TRP A 196 -12.13 9.90 -1.21
N SER A 197 -13.07 9.13 -1.74
CA SER A 197 -12.76 8.11 -2.73
C SER A 197 -13.34 8.41 -4.10
N PHE A 198 -14.31 9.32 -4.17
CA PHE A 198 -14.72 9.88 -5.45
C PHE A 198 -13.72 10.93 -5.91
N LEU A 199 -13.00 11.53 -4.97
CA LEU A 199 -12.03 12.55 -5.29
C LEU A 199 -10.61 12.02 -5.32
N GLY A 200 -10.28 10.99 -4.55
CA GLY A 200 -8.93 10.46 -4.55
C GLY A 200 -8.61 9.72 -5.83
N LEU A 201 -9.57 8.95 -6.33
CA LEU A 201 -9.42 8.26 -7.60
C LEU A 201 -9.44 9.26 -8.75
N GLY A 202 -10.24 10.32 -8.63
CA GLY A 202 -10.20 11.38 -9.63
C GLY A 202 -8.78 11.82 -9.90
N MET A 203 -8.04 12.16 -8.85
CA MET A 203 -6.66 12.63 -9.00
C MET A 203 -5.52 11.72 -9.40
N THR A 204 -5.61 10.41 -9.16
CA THR A 204 -4.71 9.45 -9.79
C THR A 204 -5.05 9.02 -11.20
N THR A 205 -6.31 9.08 -11.59
CA THR A 205 -6.64 9.09 -13.00
C THR A 205 -5.97 10.03 -13.98
N TYR A 206 -5.95 11.32 -13.67
CA TYR A 206 -5.29 12.29 -14.53
C TYR A 206 -3.79 12.11 -14.55
N THR A 207 -3.18 11.88 -13.38
CA THR A 207 -1.74 11.72 -13.30
C THR A 207 -1.26 10.44 -13.96
N ALA A 208 -2.09 9.40 -14.06
CA ALA A 208 -1.67 8.21 -14.77
C ALA A 208 -1.79 8.38 -16.27
N TRP A 209 -2.69 9.25 -16.72
CA TRP A 209 -2.72 9.59 -18.14
C TRP A 209 -2.05 10.92 -18.45
N TYR A 210 -1.61 11.68 -17.45
CA TYR A 210 -0.64 12.72 -17.77
C TYR A 210 0.68 12.10 -18.20
N LEU A 211 1.18 11.11 -17.44
CA LEU A 211 2.48 10.53 -17.75
C LEU A 211 2.44 9.73 -19.04
N ALA A 212 1.34 9.04 -19.31
CA ALA A 212 1.29 8.11 -20.44
C ALA A 212 1.15 8.86 -21.76
N ILE A 213 0.34 9.91 -21.78
CA ILE A 213 0.13 10.64 -23.03
C ILE A 213 1.27 11.60 -23.30
N ALA A 214 1.75 12.31 -22.27
CA ALA A 214 2.82 13.28 -22.48
C ALA A 214 4.21 12.65 -22.56
N SER A 215 4.32 11.34 -22.80
CA SER A 215 5.59 10.69 -23.10
C SER A 215 5.62 10.03 -24.47
N ILE A 216 4.47 9.59 -24.99
CA ILE A 216 4.42 9.14 -26.37
C ILE A 216 4.53 10.34 -27.31
N ILE A 217 4.01 11.49 -26.92
CA ILE A 217 4.20 12.72 -27.68
C ILE A 217 5.66 13.12 -27.72
N HIS A 218 6.34 13.06 -26.57
CA HIS A 218 7.73 13.50 -26.46
C HIS A 218 8.68 12.62 -27.25
N GLY A 219 8.43 11.31 -27.28
CA GLY A 219 9.15 10.44 -28.16
C GLY A 219 10.57 10.15 -27.70
N GLN A 220 11.20 9.19 -28.39
CA GLN A 220 12.54 8.77 -28.02
C GLN A 220 13.55 9.85 -28.37
N ALA A 221 14.69 9.81 -27.69
CA ALA A 221 15.87 10.52 -28.16
C ALA A 221 16.64 9.62 -29.12
N GLU A 222 17.82 10.08 -29.54
CA GLU A 222 18.62 9.34 -30.49
C GLU A 222 19.28 8.11 -29.87
N GLY A 223 20.02 8.31 -28.78
CA GLY A 223 20.81 7.23 -28.22
C GLY A 223 20.39 6.70 -26.87
N VAL A 224 19.09 6.59 -26.60
CA VAL A 224 18.62 6.04 -25.34
C VAL A 224 18.64 4.53 -25.44
N LYS A 225 18.89 3.88 -24.32
CA LYS A 225 19.15 2.45 -24.29
C LYS A 225 18.11 1.74 -23.44
N HIS A 226 17.71 0.55 -23.88
CA HIS A 226 16.81 -0.30 -23.10
C HIS A 226 17.54 -1.62 -22.92
N SER A 227 18.21 -1.78 -21.77
CA SER A 227 18.94 -2.99 -21.41
C SER A 227 18.45 -3.48 -20.05
N GLY A 228 17.38 -4.27 -20.05
CA GLY A 228 16.61 -4.47 -18.85
C GLY A 228 17.24 -5.30 -17.76
N PRO A 229 17.29 -6.63 -17.92
CA PRO A 229 17.81 -7.49 -16.85
C PRO A 229 19.32 -7.53 -16.86
N THR A 230 19.93 -6.98 -15.82
CA THR A 230 21.37 -6.81 -15.83
C THR A 230 22.06 -7.31 -14.57
N LYS A 231 21.36 -7.42 -13.45
CA LYS A 231 21.98 -7.82 -12.19
C LYS A 231 21.13 -8.86 -11.46
N LEU A 232 21.53 -9.14 -10.22
CA LEU A 232 20.70 -9.81 -9.24
C LEU A 232 20.51 -9.00 -7.96
N VAL A 233 21.09 -7.81 -7.88
CA VAL A 233 20.66 -6.86 -6.86
C VAL A 233 19.55 -5.98 -7.42
N LEU A 234 19.78 -5.42 -8.61
CA LEU A 234 18.81 -4.52 -9.18
C LEU A 234 17.55 -5.21 -9.68
N TYR A 235 17.61 -6.50 -10.00
CA TYR A 235 16.43 -7.13 -10.58
C TYR A 235 15.35 -7.39 -9.54
N PHE A 236 15.71 -7.46 -8.27
CA PHE A 236 14.75 -7.75 -7.21
C PHE A 236 14.33 -6.53 -6.42
N THR A 237 15.07 -5.44 -6.44
CA THR A 237 14.61 -4.24 -5.78
C THR A 237 13.54 -3.53 -6.57
N GLY A 238 13.42 -3.84 -7.85
CA GLY A 238 12.33 -3.36 -8.66
C GLY A 238 11.27 -4.41 -8.82
N ALA A 239 11.46 -5.56 -8.17
CA ALA A 239 10.48 -6.64 -8.22
C ALA A 239 9.62 -6.73 -6.97
N THR A 240 10.10 -6.26 -5.83
CA THR A 240 9.26 -6.12 -4.64
C THR A 240 8.56 -4.77 -4.61
N ASN A 241 8.86 -3.90 -5.56
CA ASN A 241 8.12 -2.67 -5.73
C ASN A 241 6.81 -2.90 -6.46
N ILE A 242 6.63 -4.09 -7.01
CA ILE A 242 5.36 -4.52 -7.57
C ILE A 242 4.57 -5.32 -6.54
N LEU A 243 5.27 -6.12 -5.72
CA LEU A 243 4.65 -6.81 -4.59
C LEU A 243 4.18 -5.86 -3.52
N TYR A 244 4.82 -4.71 -3.38
CA TYR A 244 4.31 -3.67 -2.50
C TYR A 244 2.99 -3.10 -2.98
N THR A 245 2.75 -3.09 -4.29
CA THR A 245 1.59 -2.40 -4.85
C THR A 245 0.30 -3.19 -4.64
N PHE A 246 0.26 -4.43 -5.10
CA PHE A 246 -0.99 -5.17 -5.18
C PHE A 246 -1.26 -5.98 -3.92
N GLY A 247 -2.51 -6.03 -3.53
CA GLY A 247 -2.96 -6.83 -2.40
C GLY A 247 -3.96 -6.09 -1.56
N GLY A 248 -4.56 -6.79 -0.61
CA GLY A 248 -5.53 -6.20 0.29
C GLY A 248 -4.94 -5.71 1.60
N HIS A 249 -5.05 -4.41 1.86
CA HIS A 249 -4.29 -3.77 2.94
C HIS A 249 -5.00 -3.81 4.28
N ALA A 250 -5.82 -4.84 4.53
CA ALA A 250 -6.47 -5.15 5.82
C ALA A 250 -7.47 -4.09 6.26
N VAL A 251 -7.90 -3.20 5.36
CA VAL A 251 -9.14 -2.47 5.56
C VAL A 251 -10.22 -3.02 4.63
N THR A 252 -9.95 -4.17 4.02
CA THR A 252 -10.98 -4.86 3.27
C THR A 252 -11.95 -5.61 4.15
N VAL A 253 -11.75 -5.63 5.46
CA VAL A 253 -12.81 -6.05 6.36
C VAL A 253 -13.76 -4.90 6.65
N GLU A 254 -13.20 -3.72 6.93
CA GLU A 254 -13.98 -2.52 7.17
C GLU A 254 -14.72 -2.00 5.95
N ILE A 255 -14.41 -2.51 4.76
CA ILE A 255 -15.25 -2.23 3.61
C ILE A 255 -16.34 -3.27 3.49
N MET A 256 -16.05 -4.53 3.86
CA MET A 256 -17.08 -5.56 3.82
C MET A 256 -18.14 -5.35 4.87
N HIS A 257 -17.77 -4.78 6.00
CA HIS A 257 -18.72 -4.66 7.08
C HIS A 257 -19.79 -3.61 6.80
N ALA A 258 -19.50 -2.64 5.94
CA ALA A 258 -20.39 -1.52 5.69
C ALA A 258 -21.00 -1.58 4.30
N MET A 259 -21.43 -2.76 3.87
CA MET A 259 -22.14 -2.95 2.62
C MET A 259 -23.53 -3.51 2.94
N TRP A 260 -24.43 -3.47 1.95
CA TRP A 260 -25.67 -4.22 2.09
C TRP A 260 -25.47 -5.70 1.91
N LYS A 261 -24.69 -6.09 0.90
CA LYS A 261 -24.75 -7.43 0.34
C LYS A 261 -23.32 -7.93 0.22
N PRO A 262 -22.72 -8.36 1.34
CA PRO A 262 -21.26 -8.55 1.34
C PRO A 262 -20.80 -9.86 0.72
N GLN A 263 -21.68 -10.64 0.11
CA GLN A 263 -21.20 -11.76 -0.67
C GLN A 263 -20.90 -11.39 -2.11
N LYS A 264 -21.08 -10.12 -2.48
CA LYS A 264 -20.69 -9.62 -3.80
C LYS A 264 -19.26 -9.09 -3.80
N PHE A 265 -18.63 -9.03 -2.63
CA PHE A 265 -17.30 -8.43 -2.54
C PHE A 265 -16.23 -9.32 -3.15
N LYS A 266 -16.53 -10.61 -3.31
CA LYS A 266 -15.61 -11.52 -3.94
C LYS A 266 -15.44 -11.21 -5.44
N TYR A 267 -16.40 -10.48 -6.01
CA TYR A 267 -16.40 -10.06 -7.40
C TYR A 267 -16.07 -8.58 -7.57
N ILE A 268 -16.37 -7.75 -6.56
CA ILE A 268 -16.11 -6.32 -6.66
C ILE A 268 -14.62 -6.03 -6.54
N TYR A 269 -13.91 -6.82 -5.74
CA TYR A 269 -12.49 -6.58 -5.56
C TYR A 269 -11.68 -6.97 -6.79
N LEU A 270 -12.17 -7.93 -7.56
CA LEU A 270 -11.57 -8.23 -8.86
C LEU A 270 -11.79 -7.10 -9.84
N MET A 271 -12.87 -6.34 -9.67
CA MET A 271 -13.18 -5.26 -10.59
C MET A 271 -12.46 -3.97 -10.19
N ALA A 272 -12.12 -3.80 -8.91
CA ALA A 272 -11.31 -2.65 -8.51
C ALA A 272 -9.84 -2.88 -8.80
N THR A 273 -9.42 -4.13 -8.98
CA THR A 273 -8.04 -4.43 -9.37
C THR A 273 -7.83 -4.16 -10.84
N LEU A 274 -8.72 -4.64 -11.71
CA LEU A 274 -8.52 -4.54 -13.15
C LEU A 274 -8.67 -3.13 -13.69
N TYR A 275 -9.10 -2.18 -12.87
CA TYR A 275 -9.03 -0.79 -13.28
C TYR A 275 -7.63 -0.22 -13.07
N VAL A 276 -6.92 -0.68 -12.04
CA VAL A 276 -5.59 -0.16 -11.73
C VAL A 276 -4.57 -0.63 -12.78
N PHE A 277 -4.83 -1.76 -13.46
CA PHE A 277 -4.04 -2.12 -14.63
C PHE A 277 -4.15 -1.09 -15.75
N THR A 278 -5.27 -0.37 -15.84
CA THR A 278 -5.38 0.75 -16.78
C THR A 278 -4.87 2.06 -16.21
N LEU A 279 -4.23 2.03 -15.03
CA LEU A 279 -3.49 3.18 -14.53
C LEU A 279 -2.00 2.96 -14.48
N THR A 280 -1.53 1.70 -14.41
CA THR A 280 -0.13 1.43 -14.15
C THR A 280 0.63 0.91 -15.36
N ILE A 281 0.09 -0.06 -16.10
CA ILE A 281 0.83 -0.64 -17.23
C ILE A 281 0.96 0.31 -18.42
N PRO A 282 -0.07 1.05 -18.85
CA PRO A 282 0.19 2.06 -19.90
C PRO A 282 0.98 3.25 -19.42
N SER A 283 0.96 3.57 -18.13
CA SER A 283 1.81 4.63 -17.61
C SER A 283 3.28 4.26 -17.63
N ALA A 284 3.62 3.06 -17.15
CA ALA A 284 5.02 2.73 -16.92
C ALA A 284 5.68 2.18 -18.17
N ALA A 285 4.90 1.76 -19.15
CA ALA A 285 5.48 1.40 -20.44
C ALA A 285 5.55 2.57 -21.40
N ALA A 286 5.07 3.75 -21.00
CA ALA A 286 5.24 4.96 -21.79
C ALA A 286 6.38 5.83 -21.29
N VAL A 287 6.63 5.85 -19.98
CA VAL A 287 7.78 6.60 -19.50
C VAL A 287 9.06 5.81 -19.75
N TYR A 288 9.05 4.51 -19.51
CA TYR A 288 10.24 3.70 -19.75
C TYR A 288 10.59 3.60 -21.23
N TRP A 289 9.61 3.63 -22.12
CA TRP A 289 9.87 3.55 -23.56
C TRP A 289 10.70 4.73 -24.04
N ALA A 290 10.29 5.94 -23.68
CA ALA A 290 10.94 7.16 -24.13
C ALA A 290 12.30 7.38 -23.50
N PHE A 291 12.51 6.89 -22.29
CA PHE A 291 13.70 7.27 -21.53
C PHE A 291 14.69 6.14 -21.28
N GLY A 292 14.25 4.93 -21.07
CA GLY A 292 15.19 3.83 -21.14
C GLY A 292 16.00 3.69 -19.87
N ASP A 293 17.33 3.58 -20.00
CA ASP A 293 18.18 3.35 -18.84
C ASP A 293 18.65 4.63 -18.20
N ALA A 294 17.99 5.74 -18.46
CA ALA A 294 18.21 6.95 -17.71
C ALA A 294 17.37 6.98 -16.44
N LEU A 295 16.47 6.03 -16.28
CA LEU A 295 15.63 5.92 -15.08
C LEU A 295 16.23 4.98 -14.05
N LEU A 296 17.54 4.80 -14.06
CA LEU A 296 18.21 4.10 -12.99
C LEU A 296 18.74 5.05 -11.93
N ASP A 297 18.76 6.35 -12.20
CA ASP A 297 19.25 7.36 -11.28
C ASP A 297 18.20 8.39 -10.89
N HIS A 298 17.02 8.36 -11.49
CA HIS A 298 15.95 9.30 -11.15
C HIS A 298 14.73 8.47 -10.76
N SER A 299 14.28 8.64 -9.53
CA SER A 299 13.21 7.83 -8.98
C SER A 299 11.83 8.38 -9.26
N ASN A 300 11.59 9.67 -9.04
CA ASN A 300 10.41 10.29 -9.61
C ASN A 300 10.43 10.24 -11.12
N ALA A 301 9.25 10.10 -11.70
CA ALA A 301 9.12 10.31 -13.13
C ALA A 301 8.97 11.78 -13.48
N PHE A 302 8.66 12.64 -12.51
CA PHE A 302 8.47 14.06 -12.82
C PHE A 302 9.77 14.79 -13.09
N SER A 303 10.92 14.20 -12.77
CA SER A 303 12.18 14.88 -13.00
C SER A 303 12.71 14.68 -14.42
N LEU A 304 12.00 13.94 -15.26
CA LEU A 304 12.40 13.78 -16.65
C LEU A 304 11.48 14.46 -17.64
N MET A 305 10.35 14.93 -17.21
CA MET A 305 9.39 15.49 -18.13
C MET A 305 9.48 17.00 -18.09
N PRO A 306 9.23 17.70 -19.19
CA PRO A 306 9.51 19.14 -19.22
C PRO A 306 8.49 19.95 -18.42
N LYS A 307 9.01 20.95 -17.72
CA LYS A 307 8.18 21.83 -16.91
C LYS A 307 7.32 22.72 -17.78
N ASN A 308 6.02 22.42 -17.82
CA ASN A 308 5.07 23.21 -18.58
C ASN A 308 3.84 23.43 -17.72
N ALA A 309 2.73 23.76 -18.36
CA ALA A 309 1.48 24.06 -17.68
C ALA A 309 0.90 22.86 -16.93
N TRP A 310 1.17 21.63 -17.37
CA TRP A 310 0.41 20.53 -16.80
C TRP A 310 1.21 19.77 -15.76
N ARG A 311 2.55 19.76 -15.88
CA ARG A 311 3.40 19.18 -14.85
C ARG A 311 3.28 19.93 -13.54
N ASP A 312 3.09 21.25 -13.61
CA ASP A 312 2.81 22.00 -12.41
C ASP A 312 1.40 21.73 -11.89
N ALA A 313 0.54 21.11 -12.70
CA ALA A 313 -0.83 20.81 -12.31
C ALA A 313 -0.89 19.37 -11.84
N ALA A 314 -0.28 18.45 -12.56
CA ALA A 314 -0.14 17.09 -12.07
C ALA A 314 0.46 16.91 -10.69
N VAL A 315 1.51 17.66 -10.36
CA VAL A 315 2.15 17.56 -9.07
C VAL A 315 1.35 18.10 -7.89
N ILE A 316 0.54 19.12 -8.13
CA ILE A 316 -0.44 19.51 -7.13
C ILE A 316 -1.40 18.41 -6.73
N LEU A 317 -1.91 17.66 -7.71
CA LEU A 317 -2.88 16.61 -7.45
C LEU A 317 -2.29 15.52 -6.57
N MET A 318 -1.08 15.06 -6.85
CA MET A 318 -0.32 14.24 -5.92
C MET A 318 0.00 14.63 -4.49
N LEU A 319 0.38 15.89 -4.24
CA LEU A 319 0.29 16.44 -2.89
C LEU A 319 -1.03 16.34 -2.17
N ILE A 320 -2.13 16.45 -2.89
CA ILE A 320 -3.45 16.36 -2.28
C ILE A 320 -3.80 14.91 -1.98
N HIS A 321 -3.38 13.97 -2.81
CA HIS A 321 -3.67 12.57 -2.52
C HIS A 321 -2.76 12.03 -1.42
N GLN A 322 -1.48 12.37 -1.45
CA GLN A 322 -0.51 11.78 -0.53
C GLN A 322 -0.56 12.36 0.86
N PHE A 323 -1.28 13.45 1.07
CA PHE A 323 -1.47 14.01 2.40
C PHE A 323 -2.79 13.56 3.02
N ILE A 324 -3.70 13.03 2.22
CA ILE A 324 -4.96 12.53 2.75
C ILE A 324 -4.86 11.04 3.06
N THR A 325 -4.19 10.26 2.22
CA THR A 325 -3.94 8.87 2.59
C THR A 325 -2.83 8.74 3.63
N PHE A 326 -2.16 9.84 3.98
CA PHE A 326 -1.33 9.85 5.18
C PHE A 326 -2.18 9.75 6.42
N GLY A 327 -3.21 10.59 6.52
CA GLY A 327 -3.99 10.66 7.74
C GLY A 327 -4.86 9.46 8.00
N PHE A 328 -5.16 8.67 6.97
CA PHE A 328 -5.88 7.41 7.11
C PHE A 328 -4.96 6.25 7.39
N ALA A 329 -3.66 6.49 7.47
CA ALA A 329 -2.70 5.44 7.75
C ALA A 329 -1.96 5.65 9.05
N CYS A 330 -2.14 6.80 9.68
CA CYS A 330 -1.54 7.09 10.98
C CYS A 330 -2.55 7.02 12.11
N THR A 331 -3.85 7.23 11.82
CA THR A 331 -4.95 7.17 12.78
C THR A 331 -5.09 5.83 13.50
N PRO A 332 -4.97 4.64 12.87
CA PRO A 332 -4.97 3.41 13.69
C PRO A 332 -3.77 3.26 14.60
N LEU A 333 -2.68 3.99 14.37
CA LEU A 333 -1.60 4.04 15.32
C LEU A 333 -1.88 5.00 16.46
N TYR A 334 -2.69 6.02 16.22
CA TYR A 334 -3.11 6.90 17.29
C TYR A 334 -4.01 6.21 18.30
N PHE A 335 -4.60 5.07 17.95
CA PHE A 335 -5.48 4.32 18.83
C PHE A 335 -4.79 3.19 19.57
N VAL A 336 -4.03 2.36 18.87
CA VAL A 336 -3.42 1.18 19.51
C VAL A 336 -2.35 1.60 20.51
N TRP A 337 -1.61 2.67 20.20
CA TRP A 337 -0.76 3.31 21.21
C TRP A 337 -1.58 3.84 22.37
N GLU A 338 -2.79 4.30 22.12
CA GLU A 338 -3.53 5.00 23.16
C GLU A 338 -4.28 4.03 24.06
N LYS A 339 -4.20 2.73 23.79
CA LYS A 339 -4.73 1.76 24.75
C LYS A 339 -3.63 1.29 25.70
N VAL A 340 -2.38 1.26 25.24
CA VAL A 340 -1.27 0.91 26.12
C VAL A 340 -1.05 1.96 27.18
N ILE A 341 -0.87 3.22 26.79
CA ILE A 341 -0.99 4.32 27.70
C ILE A 341 -2.45 4.36 28.15
N GLY A 342 -2.68 4.65 29.42
CA GLY A 342 -4.00 4.46 29.96
C GLY A 342 -4.94 5.63 29.78
N MET A 343 -5.09 6.08 28.53
CA MET A 343 -5.83 7.30 28.24
C MET A 343 -6.91 6.98 27.22
N HIS A 344 -8.08 6.61 27.71
CA HIS A 344 -9.21 6.27 26.86
C HIS A 344 -9.92 7.53 26.37
N ASP A 345 -10.55 8.26 27.27
CA ASP A 345 -11.21 9.44 26.83
C ASP A 345 -10.49 10.58 27.45
N THR A 346 -10.11 11.52 26.63
CA THR A 346 -9.53 12.73 27.15
C THR A 346 -10.71 13.59 27.35
N LYS A 347 -10.51 14.78 27.85
CA LYS A 347 -11.69 15.54 28.08
C LYS A 347 -11.58 16.85 27.33
N SER A 348 -10.42 17.50 27.45
CA SER A 348 -10.24 18.80 26.83
C SER A 348 -9.35 18.54 25.66
N ILE A 349 -8.88 19.60 25.04
CA ILE A 349 -8.26 19.31 23.76
C ILE A 349 -6.76 19.11 23.89
N CYS A 350 -6.11 19.74 24.86
CA CYS A 350 -4.66 19.63 25.02
C CYS A 350 -4.24 18.36 25.74
N LEU A 351 -5.18 17.61 26.28
CA LEU A 351 -4.84 16.35 26.92
C LEU A 351 -4.80 15.26 25.85
N ARG A 352 -5.79 15.23 24.96
CA ARG A 352 -5.78 14.31 23.83
C ARG A 352 -4.57 14.47 22.93
N ALA A 353 -4.12 15.70 22.71
CA ALA A 353 -2.95 15.93 21.87
C ALA A 353 -1.67 15.48 22.55
N LEU A 354 -1.65 15.42 23.88
CA LEU A 354 -0.41 15.16 24.58
C LEU A 354 0.01 13.71 24.43
N ALA A 355 -0.97 12.82 24.27
CA ALA A 355 -0.73 11.38 24.28
C ALA A 355 0.10 11.04 23.05
N ARG A 356 -0.13 11.72 21.93
CA ARG A 356 0.35 11.26 20.64
C ARG A 356 1.68 11.77 20.13
N LEU A 357 2.29 12.73 20.81
CA LEU A 357 3.63 13.16 20.41
C LEU A 357 4.71 12.08 20.33
N PRO A 358 4.84 11.11 21.25
CA PRO A 358 5.82 10.04 21.02
C PRO A 358 5.41 8.97 20.03
N VAL A 359 4.38 9.18 19.23
CA VAL A 359 4.13 8.33 18.06
C VAL A 359 4.28 9.10 16.76
N VAL A 360 4.42 10.44 16.80
CA VAL A 360 4.61 11.26 15.61
C VAL A 360 6.06 11.73 15.45
N ILE A 361 6.88 11.67 16.50
CA ILE A 361 8.29 12.06 16.39
C ILE A 361 9.08 11.06 15.54
N PRO A 362 8.96 9.72 15.67
CA PRO A 362 9.66 8.87 14.69
C PRO A 362 9.03 8.88 13.31
N ILE A 363 7.84 9.44 13.13
CA ILE A 363 7.36 9.64 11.77
C ILE A 363 8.10 10.80 11.14
N TRP A 364 8.27 11.88 11.89
CA TRP A 364 8.94 13.07 11.40
C TRP A 364 10.45 12.94 11.38
N PHE A 365 11.02 12.02 12.16
CA PHE A 365 12.46 11.85 12.24
C PHE A 365 13.01 10.86 11.23
N LEU A 366 12.32 9.77 10.95
CA LEU A 366 12.79 8.79 9.99
C LEU A 366 12.67 9.25 8.57
N ALA A 367 12.00 10.36 8.32
CA ALA A 367 12.03 10.99 7.02
C ALA A 367 13.14 12.02 6.88
N ILE A 368 14.12 12.01 7.78
CA ILE A 368 15.25 12.93 7.70
C ILE A 368 16.60 12.23 7.67
N ILE A 369 16.75 11.07 8.33
CA ILE A 369 17.99 10.30 8.18
C ILE A 369 18.13 9.78 6.77
N PHE A 370 17.13 9.05 6.29
CA PHE A 370 17.16 8.55 4.92
C PHE A 370 15.89 8.98 4.20
N PRO A 371 15.98 10.05 3.39
CA PRO A 371 14.84 10.46 2.55
C PRO A 371 14.88 9.77 1.20
N PHE A 372 15.08 8.46 1.22
CA PHE A 372 15.30 7.72 -0.01
C PHE A 372 13.93 7.48 -0.61
N PHE A 373 13.71 7.94 -1.83
CA PHE A 373 12.37 7.87 -2.40
C PHE A 373 12.08 6.53 -3.05
N GLY A 374 13.00 6.02 -3.83
CA GLY A 374 12.84 4.75 -4.49
C GLY A 374 13.10 3.52 -3.64
N PRO A 375 14.31 3.36 -3.09
CA PRO A 375 14.62 2.11 -2.38
C PRO A 375 13.98 1.93 -1.02
N ILE A 376 13.24 2.89 -0.47
CA ILE A 376 12.56 2.63 0.78
C ILE A 376 11.28 1.83 0.52
N ASN A 377 10.79 1.81 -0.71
CA ASN A 377 9.60 1.02 -1.00
C ASN A 377 9.92 -0.47 -1.07
N SER A 378 11.15 -0.82 -1.41
CA SER A 378 11.51 -2.22 -1.56
C SER A 378 11.91 -2.86 -0.25
N ALA A 379 12.44 -2.09 0.70
CA ALA A 379 12.77 -2.64 2.00
C ALA A 379 11.54 -2.79 2.89
N VAL A 380 10.49 -2.03 2.62
CA VAL A 380 9.25 -2.21 3.37
C VAL A 380 8.48 -3.42 2.84
N GLY A 381 8.33 -3.54 1.52
CA GLY A 381 7.62 -4.66 0.94
C GLY A 381 8.39 -5.97 0.96
N ALA A 382 9.60 -5.98 1.48
CA ALA A 382 10.32 -7.22 1.68
C ALA A 382 10.11 -7.79 3.06
N LEU A 383 10.04 -6.94 4.06
CA LEU A 383 10.04 -7.38 5.44
C LEU A 383 8.66 -7.35 6.08
N LEU A 384 7.76 -6.52 5.57
CA LEU A 384 6.46 -6.35 6.21
C LEU A 384 5.30 -6.73 5.32
N VAL A 385 5.28 -6.23 4.07
CA VAL A 385 4.10 -6.36 3.24
C VAL A 385 3.96 -7.78 2.70
N SER A 386 5.04 -8.55 2.70
CA SER A 386 4.92 -9.94 2.26
C SER A 386 4.16 -10.77 3.29
N PHE A 387 4.27 -10.43 4.56
CA PHE A 387 3.56 -11.15 5.61
C PHE A 387 2.17 -10.59 5.90
N THR A 388 2.00 -9.27 5.79
CA THR A 388 0.76 -8.61 6.15
C THR A 388 -0.37 -8.97 5.19
N VAL A 389 -0.04 -9.19 3.92
CA VAL A 389 -1.01 -9.36 2.86
C VAL A 389 -1.05 -10.79 2.34
N TYR A 390 0.12 -11.41 2.17
CA TYR A 390 0.24 -12.62 1.39
C TYR A 390 0.47 -13.88 2.19
N ILE A 391 0.93 -13.80 3.45
CA ILE A 391 1.23 -15.02 4.19
C ILE A 391 0.15 -15.31 5.22
N ILE A 392 -0.16 -14.34 6.07
CA ILE A 392 -1.11 -14.53 7.15
C ILE A 392 -2.54 -14.71 6.62
N PRO A 393 -3.03 -13.97 5.61
CA PRO A 393 -4.33 -14.36 5.02
C PRO A 393 -4.32 -15.67 4.23
N SER A 394 -3.18 -16.33 4.05
CA SER A 394 -3.20 -17.68 3.49
C SER A 394 -2.85 -18.74 4.52
N LEU A 395 -2.32 -18.34 5.68
CA LEU A 395 -2.15 -19.29 6.77
C LEU A 395 -3.38 -19.35 7.65
N ALA A 396 -4.17 -18.28 7.70
CA ALA A 396 -5.38 -18.31 8.51
C ALA A 396 -6.48 -19.13 7.86
N HIS A 397 -6.41 -19.36 6.56
CA HIS A 397 -7.38 -20.20 5.89
C HIS A 397 -6.96 -21.66 5.83
N MET A 398 -5.69 -21.96 6.04
CA MET A 398 -5.27 -23.37 6.14
C MET A 398 -5.62 -23.94 7.50
N LEU A 399 -5.26 -23.22 8.56
CA LEU A 399 -5.38 -23.72 9.92
C LEU A 399 -6.83 -23.79 10.40
N THR A 400 -7.71 -22.93 9.89
CA THR A 400 -9.10 -22.96 10.33
C THR A 400 -9.80 -24.20 9.80
N TYR A 401 -9.62 -24.48 8.52
CA TYR A 401 -10.26 -25.62 7.88
C TYR A 401 -9.35 -26.84 7.89
N ARG A 402 -8.73 -27.15 9.02
CA ARG A 402 -7.69 -28.17 9.04
C ARG A 402 -8.19 -29.53 9.50
N SER A 403 -9.48 -29.66 9.76
CA SER A 403 -10.05 -30.94 10.12
C SER A 403 -11.19 -31.26 9.16
N ALA A 404 -11.89 -32.36 9.42
CA ALA A 404 -13.01 -32.77 8.59
C ALA A 404 -14.33 -32.23 9.07
N SER A 405 -14.41 -31.80 10.32
CA SER A 405 -15.66 -31.27 10.86
C SER A 405 -15.74 -29.75 10.69
N ALA A 406 -14.62 -29.10 10.40
CA ALA A 406 -14.67 -27.66 10.16
C ALA A 406 -15.11 -27.40 8.73
N ARG A 407 -14.77 -28.29 7.80
CA ARG A 407 -15.22 -28.21 6.43
C ARG A 407 -16.63 -28.70 6.17
N GLN A 408 -17.13 -29.60 7.01
CA GLN A 408 -18.48 -30.12 6.86
C GLN A 408 -19.53 -29.03 7.07
N ASN A 409 -19.20 -28.06 7.89
CA ASN A 409 -20.14 -27.03 8.14
C ASN A 409 -19.60 -25.67 7.75
N ALA A 410 -18.90 -25.61 6.62
CA ALA A 410 -18.39 -24.33 6.13
C ALA A 410 -19.39 -23.39 5.58
N ALA A 411 -19.36 -22.15 6.03
CA ALA A 411 -20.33 -21.19 5.60
C ALA A 411 -20.37 -20.92 4.11
N GLU A 412 -19.23 -20.65 3.47
CA GLU A 412 -19.20 -20.49 2.01
C GLU A 412 -18.42 -21.55 1.26
N LYS A 413 -19.10 -22.55 0.67
CA LYS A 413 -18.47 -23.67 -0.05
C LYS A 413 -17.44 -23.32 -1.14
N PRO A 414 -16.42 -24.22 -1.44
CA PRO A 414 -15.48 -23.80 -2.51
C PRO A 414 -16.11 -23.33 -3.82
N PRO A 415 -15.50 -22.36 -4.51
CA PRO A 415 -16.11 -21.81 -5.74
C PRO A 415 -15.71 -22.60 -6.97
N PHE A 416 -15.95 -22.03 -8.15
CA PHE A 416 -15.63 -22.72 -9.38
C PHE A 416 -14.27 -22.50 -9.98
N PHE A 417 -13.49 -21.61 -9.37
CA PHE A 417 -12.12 -21.39 -9.83
C PHE A 417 -11.21 -22.50 -9.35
N MET A 418 -11.39 -22.92 -8.11
CA MET A 418 -10.63 -24.05 -7.62
C MET A 418 -11.91 -24.73 -7.12
N PRO A 419 -12.35 -25.86 -7.78
CA PRO A 419 -13.61 -26.34 -7.24
C PRO A 419 -13.61 -27.62 -6.43
N SER A 420 -12.69 -27.77 -5.51
CA SER A 420 -12.63 -28.95 -4.73
C SER A 420 -12.13 -28.50 -3.43
N TRP A 421 -11.89 -29.40 -2.51
CA TRP A 421 -11.28 -28.92 -1.27
C TRP A 421 -9.77 -28.85 -1.37
N THR A 422 -9.12 -29.91 -1.85
CA THR A 422 -7.67 -29.89 -1.89
C THR A 422 -7.15 -28.99 -3.00
N ALA A 423 -8.00 -28.60 -3.95
CA ALA A 423 -7.57 -27.64 -4.96
C ALA A 423 -7.38 -26.24 -4.39
N MET A 424 -7.97 -25.93 -3.25
CA MET A 424 -7.58 -24.71 -2.55
C MET A 424 -6.21 -24.84 -1.93
N TYR A 425 -5.92 -25.97 -1.29
CA TYR A 425 -4.65 -26.12 -0.59
C TYR A 425 -3.45 -26.26 -1.51
N VAL A 426 -3.62 -26.42 -2.82
CA VAL A 426 -2.49 -26.33 -3.73
C VAL A 426 -2.17 -24.86 -4.00
N LEU A 427 -3.20 -24.03 -4.11
CA LEU A 427 -2.99 -22.60 -4.26
C LEU A 427 -2.95 -21.84 -2.95
N ASN A 428 -2.73 -22.51 -1.83
CA ASN A 428 -2.37 -21.77 -0.63
C ASN A 428 -0.96 -22.08 -0.16
N ALA A 429 -0.51 -23.31 -0.32
CA ALA A 429 0.88 -23.63 -0.07
C ALA A 429 1.78 -23.21 -1.22
N PHE A 430 1.22 -22.90 -2.38
CA PHE A 430 2.02 -22.22 -3.39
C PHE A 430 2.36 -20.81 -2.93
N VAL A 431 1.42 -20.11 -2.32
CA VAL A 431 1.62 -18.71 -2.01
C VAL A 431 2.56 -18.52 -0.83
N VAL A 432 2.47 -19.40 0.18
CA VAL A 432 3.38 -19.30 1.32
C VAL A 432 4.81 -19.65 0.93
N VAL A 433 4.99 -20.56 -0.02
CA VAL A 433 6.33 -20.94 -0.44
C VAL A 433 6.91 -19.91 -1.40
N TRP A 434 6.09 -19.41 -2.33
CA TRP A 434 6.58 -18.42 -3.28
C TRP A 434 6.93 -17.10 -2.62
N VAL A 435 6.10 -16.61 -1.70
CA VAL A 435 6.33 -15.30 -1.13
C VAL A 435 7.45 -15.32 -0.09
N LEU A 436 7.72 -16.45 0.55
CA LEU A 436 8.87 -16.52 1.44
C LEU A 436 10.19 -16.78 0.74
N ILE A 437 10.24 -16.75 -0.59
CA ILE A 437 11.48 -16.94 -1.32
C ILE A 437 11.75 -15.77 -2.26
N VAL A 438 10.72 -15.32 -2.99
CA VAL A 438 10.89 -14.18 -3.89
C VAL A 438 10.49 -12.88 -3.21
N GLY A 439 9.87 -12.95 -2.04
CA GLY A 439 9.53 -11.78 -1.26
C GLY A 439 10.53 -11.59 -0.16
N PHE A 440 10.25 -12.12 1.04
CA PHE A 440 11.15 -12.11 2.19
C PHE A 440 12.51 -12.78 1.92
N GLY A 441 12.66 -13.56 0.86
CA GLY A 441 13.87 -14.33 0.63
C GLY A 441 14.89 -13.56 -0.18
N PHE A 442 14.95 -13.81 -1.50
CA PHE A 442 15.80 -13.03 -2.39
C PHE A 442 15.51 -11.53 -2.30
N GLY A 443 14.24 -11.17 -2.38
CA GLY A 443 13.88 -9.77 -2.36
C GLY A 443 14.06 -9.09 -1.01
N GLY A 444 14.27 -9.87 0.04
CA GLY A 444 14.65 -9.28 1.32
C GLY A 444 16.13 -9.02 1.40
N TRP A 445 16.94 -9.90 0.82
CA TRP A 445 18.37 -9.67 0.73
C TRP A 445 18.69 -8.51 -0.19
N ALA A 446 18.12 -8.53 -1.40
CA ALA A 446 18.51 -7.57 -2.42
C ALA A 446 18.04 -6.15 -2.10
N SER A 447 16.88 -5.99 -1.48
CA SER A 447 16.38 -4.65 -1.15
C SER A 447 17.14 -4.05 0.00
N VAL A 448 17.86 -4.87 0.77
CA VAL A 448 18.70 -4.33 1.83
C VAL A 448 20.08 -3.97 1.29
N THR A 449 20.59 -4.73 0.32
CA THR A 449 21.87 -4.38 -0.31
C THR A 449 21.77 -3.05 -1.06
N ASN A 450 20.65 -2.82 -1.73
CA ASN A 450 20.47 -1.58 -2.46
C ASN A 450 20.16 -0.41 -1.54
N PHE A 451 19.50 -0.66 -0.41
CA PHE A 451 19.28 0.40 0.57
C PHE A 451 20.58 0.80 1.25
N VAL A 452 21.44 -0.17 1.55
CA VAL A 452 22.72 0.11 2.17
C VAL A 452 23.67 0.84 1.22
N ARG A 453 23.69 0.46 -0.05
CA ARG A 453 24.61 1.10 -0.99
C ARG A 453 24.16 2.53 -1.34
N GLN A 454 22.90 2.88 -1.10
CA GLN A 454 22.52 4.27 -1.22
C GLN A 454 23.15 5.10 -0.12
N VAL A 455 23.40 4.51 1.04
CA VAL A 455 24.03 5.24 2.14
C VAL A 455 25.51 5.45 1.87
N ASP A 456 26.18 4.45 1.28
CA ASP A 456 27.59 4.60 0.99
C ASP A 456 27.85 5.51 -0.20
N THR A 457 26.82 5.88 -0.95
CA THR A 457 26.97 6.93 -1.95
C THR A 457 26.66 8.30 -1.35
N PHE A 458 25.43 8.51 -0.90
CA PHE A 458 24.94 9.83 -0.51
C PHE A 458 25.15 10.18 0.95
N GLY A 459 25.33 9.21 1.83
CA GLY A 459 25.54 9.52 3.23
C GLY A 459 24.26 9.76 4.00
N LEU A 460 24.29 9.48 5.31
CA LEU A 460 23.12 9.66 6.16
C LEU A 460 22.80 11.15 6.30
N PHE A 461 21.53 11.43 6.61
CA PHE A 461 20.96 12.78 6.67
C PHE A 461 21.16 13.55 5.37
N ALA A 462 20.87 12.90 4.25
CA ALA A 462 21.24 13.37 2.92
C ALA A 462 20.58 14.71 2.59
N LYS A 463 21.41 15.64 2.13
CA LYS A 463 20.98 17.02 1.95
C LYS A 463 19.97 17.15 0.82
N CYS A 464 20.34 16.71 -0.38
CA CYS A 464 19.44 16.79 -1.52
C CYS A 464 19.61 15.49 -2.31
N TYR A 465 18.66 14.58 -2.15
CA TYR A 465 18.75 13.25 -2.73
C TYR A 465 18.30 13.30 -4.17
N GLN A 466 19.20 12.89 -5.08
CA GLN A 466 18.97 12.82 -6.53
C GLN A 466 18.51 14.16 -7.10
N CYS A 467 19.29 15.20 -6.82
CA CYS A 467 19.02 16.54 -7.29
C CYS A 467 19.99 16.89 -8.41
N LYS A 468 19.85 18.09 -8.94
CA LYS A 468 20.69 18.53 -10.03
C LYS A 468 22.12 18.79 -9.54
N PRO A 469 23.13 18.72 -10.42
CA PRO A 469 24.50 19.06 -10.01
C PRO A 469 24.67 20.54 -9.69
O2 3C4 B . 0.73 2.78 -2.98
C 3C4 B . 0.75 2.93 -1.73
O1 3C4 B . 1.20 3.98 -1.22
CG 3C4 B . 0.22 1.84 -0.83
CA 3C4 B . -0.73 2.46 0.19
CD2 3C4 B . -1.80 3.18 -0.29
CE2 3C4 B . -2.69 3.76 0.60
CZ 3C4 B . -2.48 3.63 1.95
OH 3C4 B . -3.36 4.22 2.86
CL 3C4 B . -1.15 2.76 4.19
CE1 3C4 B . -1.39 2.90 2.43
CD1 3C4 B . -0.51 2.32 1.54
#